data_8F1Y
#
_entry.id   8F1Y
#
_cell.length_a   145.572
_cell.length_b   145.572
_cell.length_c   145.572
_cell.angle_alpha   90.000
_cell.angle_beta   90.000
_cell.angle_gamma   90.000
#
_symmetry.space_group_name_H-M   'I 2 3'
#
loop_
_entity.id
_entity.type
_entity.pdbx_description
1 polymer 'Epidermal growth factor receptor'
2 non-polymer 1-[4-[4-[[3,4-bis(chloranyl)-2-fluoranyl-phenyl]amino]-7-methoxy-quinazolin-6-yl]oxypiperidin-1-yl]propan-1-one
3 non-polymer 'CITRIC ACID'
4 water water
#
_entity_poly.entity_id   1
_entity_poly.type   'polypeptide(L)'
_entity_poly.pdbx_seq_one_letter_code
;GSTSGEAPNQALLRILKETEFKKIKVLGSGAFGTVYKGLWIPEGEKVKIPVAIKELREATSPKANKEILDEAYVMASVDN
PHVCRLLGICLTSTVQLITQLMPFGCLLDYVREHKDNIGSQYLLNWCVQIAKGMNYLEDRRLVHRDLAARNVLVKTPQHV
KITDFGLAKLLGAEEKEYHAEGGKVPIKWMALESILHRIYTHQSDVWSYGVTVWELMTFGSKPYDGIPASEISSILEKGE
RLPQPPICTIDVYMIMVKCWMIDADSRPKFRELIIEFSKMARDPQRYLVIQGDERMHLPSPTDSNFYRALMDEEDMDDVV
DADEYLIPQQG
;
_entity_poly.pdbx_strand_id   A
#
loop_
_chem_comp.id
_chem_comp.type
_chem_comp.name
_chem_comp.formula
CIT non-polymer 'CITRIC ACID' 'C6 H8 O7'
R2E non-polymer 1-[4-[4-[[3,4-bis(chloranyl)-2-fluoranyl-phenyl]amino]-7-methoxy-quinazolin-6-yl]oxypiperidin-1-yl]propan-1-one 'C23 H23 Cl2 F N4 O3'
#
# COMPACT_ATOMS: atom_id res chain seq x y z
N GLY A 5 6.84 24.88 -13.03
CA GLY A 5 5.73 24.04 -13.44
C GLY A 5 5.34 23.03 -12.39
N GLU A 6 5.31 23.49 -11.14
CA GLU A 6 4.95 22.66 -10.00
C GLU A 6 3.67 23.21 -9.39
N ALA A 7 2.67 22.35 -9.23
CA ALA A 7 1.35 22.81 -8.83
C ALA A 7 1.28 23.07 -7.33
N PRO A 8 0.54 24.10 -6.91
CA PRO A 8 0.38 24.35 -5.47
C PRO A 8 -0.52 23.29 -4.83
N ASN A 9 -0.04 22.71 -3.73
CA ASN A 9 -0.78 21.67 -3.02
C ASN A 9 -1.80 22.34 -2.10
N GLN A 10 -3.00 22.55 -2.62
CA GLN A 10 -4.08 23.19 -1.87
C GLN A 10 -4.88 22.21 -1.03
N ALA A 11 -4.29 21.07 -0.67
CA ALA A 11 -4.97 20.13 0.20
C ALA A 11 -5.21 20.75 1.57
N LEU A 12 -6.29 20.32 2.21
CA LEU A 12 -6.68 20.85 3.52
C LEU A 12 -6.21 19.90 4.61
N LEU A 13 -5.59 20.45 5.64
CA LEU A 13 -5.18 19.69 6.82
C LEU A 13 -6.19 19.97 7.93
N ARG A 14 -7.00 18.98 8.24
CA ARG A 14 -8.09 19.13 9.19
C ARG A 14 -7.59 18.82 10.60
N ILE A 15 -7.69 19.78 11.49
CA ILE A 15 -7.33 19.59 12.90
C ILE A 15 -8.58 19.11 13.65
N LEU A 16 -8.45 18.00 14.35
CA LEU A 16 -9.57 17.35 15.02
C LEU A 16 -9.47 17.53 16.52
N LYS A 17 -10.59 17.89 17.14
CA LYS A 17 -10.66 17.93 18.60
C LYS A 17 -10.55 16.52 19.17
N GLU A 18 -9.88 16.39 20.32
CA GLU A 18 -9.83 15.11 20.99
C GLU A 18 -11.21 14.66 21.48
N THR A 19 -12.14 15.61 21.63
CA THR A 19 -13.51 15.26 22.01
C THR A 19 -14.21 14.51 20.88
N GLU A 20 -13.92 14.88 19.63
CA GLU A 20 -14.70 14.41 18.49
C GLU A 20 -14.61 12.91 18.27
N PHE A 21 -13.56 12.25 18.75
CA PHE A 21 -13.40 10.83 18.52
C PHE A 21 -13.03 10.11 19.82
N LYS A 22 -13.44 8.84 19.90
CA LYS A 22 -13.16 7.98 21.04
C LYS A 22 -12.43 6.73 20.55
N LYS A 23 -11.43 6.31 21.32
CA LYS A 23 -10.74 5.06 21.02
C LYS A 23 -11.53 3.87 21.54
N ILE A 24 -11.32 2.73 20.92
CA ILE A 24 -12.10 1.53 21.23
C ILE A 24 -11.17 0.37 21.54
N LYS A 25 -10.22 0.09 20.65
CA LYS A 25 -9.33 -1.05 20.81
C LYS A 25 -7.95 -0.70 20.26
N VAL A 26 -6.99 -1.58 20.53
CA VAL A 26 -5.61 -1.39 19.98
C VAL A 26 -5.46 -2.38 18.82
N LEU A 27 -5.36 -1.88 17.60
CA LEU A 27 -5.33 -2.79 16.42
C LEU A 27 -3.91 -3.33 16.30
N GLY A 28 -2.93 -2.54 16.73
CA GLY A 28 -1.54 -2.98 16.56
C GLY A 28 -0.55 -2.08 17.26
N SER A 29 0.61 -2.63 17.58
CA SER A 29 1.64 -1.84 18.30
C SER A 29 3.03 -2.12 17.74
N GLY A 30 3.89 -1.12 17.73
CA GLY A 30 5.28 -1.25 17.25
C GLY A 30 6.11 -0.31 18.08
N ALA A 31 7.30 0.09 17.64
CA ALA A 31 8.12 0.94 18.52
C ALA A 31 7.45 2.31 18.64
N PHE A 32 7.84 3.25 17.79
CA PHE A 32 7.19 4.58 17.76
C PHE A 32 5.89 4.60 18.55
N GLY A 33 4.82 4.03 17.97
CA GLY A 33 3.51 4.11 18.64
C GLY A 33 2.55 3.01 18.28
N THR A 34 1.31 3.10 18.75
CA THR A 34 0.30 2.06 18.52
C THR A 34 -0.80 2.54 17.58
N VAL A 35 -1.34 1.66 16.74
CA VAL A 35 -2.50 2.04 15.89
C VAL A 35 -3.75 1.54 16.61
N TYR A 36 -4.75 2.39 16.74
CA TYR A 36 -5.99 1.99 17.41
C TYR A 36 -7.17 2.18 16.49
N LYS A 37 -8.28 1.56 16.80
CA LYS A 37 -9.53 1.78 16.09
C LYS A 37 -10.47 2.53 17.02
N GLY A 38 -11.36 3.32 16.43
CA GLY A 38 -12.32 4.04 17.22
C GLY A 38 -13.39 4.67 16.34
N LEU A 39 -14.23 5.47 16.97
CA LEU A 39 -15.29 6.19 16.29
C LEU A 39 -14.97 7.68 16.32
N TRP A 40 -15.32 8.37 15.25
CA TRP A 40 -15.14 9.82 15.15
C TRP A 40 -16.50 10.46 14.92
N ILE A 41 -16.94 11.27 15.88
CA ILE A 41 -18.22 11.96 15.78
C ILE A 41 -17.97 13.46 15.67
N PRO A 42 -17.94 14.02 14.47
CA PRO A 42 -17.80 15.48 14.33
C PRO A 42 -18.94 16.19 15.04
N GLU A 43 -18.60 17.22 15.81
CA GLU A 43 -19.60 17.89 16.63
C GLU A 43 -20.65 18.57 15.76
N GLY A 44 -21.91 18.41 16.14
CA GLY A 44 -23.01 18.98 15.40
C GLY A 44 -23.15 18.40 14.01
N GLU A 45 -23.10 17.07 13.91
CA GLU A 45 -23.15 16.40 12.62
C GLU A 45 -24.04 15.17 12.57
N LYS A 46 -24.25 14.47 13.68
CA LYS A 46 -25.11 13.28 13.74
C LYS A 46 -24.59 12.18 12.83
N VAL A 47 -23.27 11.97 12.82
CA VAL A 47 -22.64 10.88 12.11
C VAL A 47 -21.56 10.26 13.00
N LYS A 48 -21.37 8.96 12.85
CA LYS A 48 -20.31 8.24 13.54
C LYS A 48 -19.47 7.53 12.49
N ILE A 49 -18.19 7.90 12.41
CA ILE A 49 -17.29 7.43 11.36
C ILE A 49 -16.28 6.48 11.98
N PRO A 50 -16.27 5.20 11.58
CA PRO A 50 -15.23 4.28 12.06
C PRO A 50 -13.88 4.70 11.53
N VAL A 51 -12.93 4.93 12.44
CA VAL A 51 -11.62 5.45 12.09
C VAL A 51 -10.54 4.58 12.73
N ALA A 52 -9.31 4.80 12.30
CA ALA A 52 -8.13 4.22 12.92
C ALA A 52 -7.17 5.33 13.30
N ILE A 53 -6.77 5.38 14.57
CA ILE A 53 -5.94 6.43 15.10
C ILE A 53 -4.53 5.89 15.31
N LYS A 54 -3.53 6.70 14.97
CA LYS A 54 -2.12 6.31 15.05
C LYS A 54 -1.36 7.42 15.76
N GLU A 55 -1.02 7.20 17.03
CA GLU A 55 -0.32 8.20 17.83
C GLU A 55 1.11 7.75 18.13
N PRO A 62 10.87 13.15 21.39
CA PRO A 62 10.87 12.22 20.25
C PRO A 62 11.66 12.77 19.05
N LYS A 63 11.24 13.91 18.51
CA LYS A 63 11.82 14.54 17.32
C LYS A 63 11.50 13.72 16.08
N ALA A 64 10.88 12.56 16.26
CA ALA A 64 10.26 11.81 15.18
C ALA A 64 8.91 12.37 14.78
N ASN A 65 8.44 13.42 15.47
CA ASN A 65 7.25 14.14 15.02
C ASN A 65 7.45 14.72 13.63
N LYS A 66 8.70 15.05 13.28
CA LYS A 66 8.99 15.46 11.91
C LYS A 66 8.71 14.34 10.92
N GLU A 67 8.83 13.08 11.35
CA GLU A 67 8.53 11.95 10.47
C GLU A 67 7.02 11.76 10.32
N ILE A 68 6.29 11.74 11.43
CA ILE A 68 4.85 11.48 11.36
C ILE A 68 4.12 12.63 10.68
N LEU A 69 4.64 13.86 10.80
CA LEU A 69 4.00 14.98 10.12
C LEU A 69 4.28 14.96 8.63
N ASP A 70 5.39 14.35 8.22
CA ASP A 70 5.63 14.14 6.79
C ASP A 70 4.67 13.12 6.21
N GLU A 71 4.36 12.07 6.98
CA GLU A 71 3.38 11.09 6.54
C GLU A 71 2.00 11.72 6.42
N ALA A 72 1.65 12.60 7.36
CA ALA A 72 0.34 13.25 7.32
C ALA A 72 0.22 14.19 6.12
N TYR A 73 1.30 14.91 5.79
CA TYR A 73 1.27 15.76 4.60
C TYR A 73 0.95 14.97 3.35
N VAL A 74 1.58 13.81 3.18
CA VAL A 74 1.37 13.00 1.99
C VAL A 74 -0.05 12.44 1.96
N MET A 75 -0.52 11.91 3.09
CA MET A 75 -1.84 11.29 3.12
C MET A 75 -2.97 12.31 2.94
N ALA A 76 -2.75 13.56 3.35
CA ALA A 76 -3.77 14.58 3.15
C ALA A 76 -3.81 15.09 1.71
N SER A 77 -2.81 14.79 0.90
CA SER A 77 -2.71 15.30 -0.46
C SER A 77 -3.16 14.30 -1.50
N VAL A 78 -3.59 13.11 -1.10
CA VAL A 78 -4.03 12.08 -2.03
C VAL A 78 -5.54 11.89 -1.89
N ASP A 79 -6.18 11.54 -3.01
CA ASP A 79 -7.61 11.28 -3.03
C ASP A 79 -7.89 10.31 -4.17
N ASN A 80 -7.98 9.02 -3.84
CA ASN A 80 -8.22 7.98 -4.83
C ASN A 80 -8.93 6.82 -4.14
N PRO A 81 -9.85 6.15 -4.83
CA PRO A 81 -10.58 5.03 -4.20
C PRO A 81 -9.68 3.88 -3.76
N HIS A 82 -8.41 3.85 -4.17
CA HIS A 82 -7.49 2.78 -3.81
C HIS A 82 -6.26 3.32 -3.10
N VAL A 83 -6.40 4.45 -2.40
CA VAL A 83 -5.34 5.04 -1.59
C VAL A 83 -5.98 5.56 -0.31
N CYS A 84 -5.40 5.23 0.84
CA CYS A 84 -5.93 5.68 2.12
C CYS A 84 -5.65 7.17 2.31
N ARG A 85 -6.71 7.93 2.58
CA ARG A 85 -6.61 9.37 2.75
C ARG A 85 -6.64 9.73 4.24
N LEU A 86 -5.85 10.74 4.60
CA LEU A 86 -5.87 11.24 5.98
C LEU A 86 -7.16 11.98 6.24
N LEU A 87 -7.86 11.58 7.30
CA LEU A 87 -9.07 12.30 7.70
C LEU A 87 -8.72 13.56 8.50
N GLY A 88 -7.66 13.49 9.31
CA GLY A 88 -7.25 14.63 10.08
C GLY A 88 -6.19 14.23 11.10
N ILE A 89 -5.69 15.24 11.80
CA ILE A 89 -4.72 15.05 12.86
C ILE A 89 -5.25 15.68 14.13
N CYS A 90 -4.81 15.15 15.27
CA CYS A 90 -5.15 15.68 16.59
C CYS A 90 -3.87 16.14 17.28
N LEU A 91 -3.87 17.37 17.75
CA LEU A 91 -2.67 18.00 18.31
C LEU A 91 -2.70 18.05 19.83
N THR A 92 -2.92 16.90 20.47
CA THR A 92 -2.83 16.84 21.92
C THR A 92 -1.38 16.66 22.34
N SER A 93 -1.15 16.18 23.56
CA SER A 93 0.23 15.98 24.03
C SER A 93 0.99 15.03 23.12
N THR A 94 0.30 14.11 22.47
CA THR A 94 0.86 13.27 21.42
C THR A 94 0.17 13.58 20.11
N VAL A 95 0.90 13.42 19.02
CA VAL A 95 0.39 13.71 17.69
C VAL A 95 -0.26 12.45 17.14
N GLN A 96 -1.53 12.55 16.75
CA GLN A 96 -2.30 11.43 16.26
C GLN A 96 -2.67 11.64 14.80
N LEU A 97 -2.64 10.56 14.03
CA LEU A 97 -3.13 10.54 12.66
C LEU A 97 -4.45 9.76 12.64
N ILE A 98 -5.49 10.38 12.12
CA ILE A 98 -6.82 9.77 12.06
C ILE A 98 -7.13 9.49 10.59
N THR A 99 -7.44 8.23 10.29
CA THR A 99 -7.78 7.82 8.94
C THR A 99 -8.98 6.87 8.99
N GLN A 100 -9.53 6.60 7.82
CA GLN A 100 -10.69 5.71 7.72
C GLN A 100 -10.31 4.30 8.16
N LEU A 101 -11.21 3.66 8.91
CA LEU A 101 -10.95 2.31 9.41
C LEU A 101 -11.08 1.29 8.28
N MET A 102 -10.05 0.48 8.11
CA MET A 102 -10.00 -0.62 7.16
C MET A 102 -10.26 -1.92 7.92
N PRO A 103 -11.52 -2.32 8.08
CA PRO A 103 -11.85 -3.33 9.11
C PRO A 103 -11.12 -4.65 8.96
N PHE A 104 -10.84 -5.09 7.74
CA PHE A 104 -10.27 -6.42 7.53
C PHE A 104 -8.75 -6.44 7.60
N GLY A 105 -8.13 -5.37 8.10
CA GLY A 105 -6.69 -5.36 8.31
C GLY A 105 -5.88 -5.36 7.03
N CYS A 106 -4.58 -5.61 7.19
CA CYS A 106 -3.67 -5.62 6.06
C CYS A 106 -3.92 -6.84 5.18
N LEU A 107 -3.62 -6.68 3.89
CA LEU A 107 -3.91 -7.73 2.92
C LEU A 107 -3.00 -8.94 3.11
N LEU A 108 -1.81 -8.74 3.68
CA LEU A 108 -0.90 -9.86 3.92
C LEU A 108 -1.50 -10.83 4.94
N ASP A 109 -1.97 -10.32 6.08
CA ASP A 109 -2.58 -11.18 7.07
C ASP A 109 -3.90 -11.76 6.56
N TYR A 110 -4.66 -10.97 5.80
CA TYR A 110 -5.92 -11.46 5.25
C TYR A 110 -5.69 -12.60 4.27
N VAL A 111 -4.66 -12.49 3.43
CA VAL A 111 -4.38 -13.54 2.47
C VAL A 111 -3.89 -14.81 3.17
N ARG A 112 -3.33 -14.67 4.37
CA ARG A 112 -2.85 -15.83 5.11
C ARG A 112 -3.98 -16.50 5.87
N GLU A 113 -4.81 -15.72 6.55
CA GLU A 113 -5.89 -16.26 7.37
C GLU A 113 -7.07 -16.76 6.55
N HIS A 114 -7.09 -16.52 5.25
CA HIS A 114 -8.21 -16.92 4.40
C HIS A 114 -7.75 -17.65 3.14
N LYS A 115 -6.54 -18.21 3.15
CA LYS A 115 -5.95 -18.73 1.92
C LYS A 115 -6.79 -19.84 1.29
N ASP A 116 -7.55 -20.58 2.10
CA ASP A 116 -8.40 -21.64 1.57
C ASP A 116 -9.75 -21.13 1.10
N ASN A 117 -9.95 -19.81 1.07
CA ASN A 117 -11.23 -19.25 0.63
C ASN A 117 -11.05 -18.06 -0.31
N ILE A 118 -9.87 -17.91 -0.91
CA ILE A 118 -9.59 -16.81 -1.82
C ILE A 118 -9.54 -17.37 -3.24
N GLY A 119 -10.38 -16.81 -4.12
CA GLY A 119 -10.46 -17.26 -5.50
C GLY A 119 -9.60 -16.41 -6.43
N SER A 120 -9.47 -16.92 -7.67
CA SER A 120 -8.70 -16.21 -8.68
C SER A 120 -9.30 -14.84 -8.99
N GLN A 121 -10.64 -14.74 -8.94
CA GLN A 121 -11.28 -13.45 -9.18
C GLN A 121 -10.85 -12.41 -8.16
N TYR A 122 -10.68 -12.82 -6.91
CA TYR A 122 -10.27 -11.87 -5.87
C TYR A 122 -8.80 -11.49 -6.02
N LEU A 123 -7.94 -12.47 -6.33
CA LEU A 123 -6.51 -12.19 -6.46
C LEU A 123 -6.23 -11.23 -7.61
N LEU A 124 -6.84 -11.49 -8.78
CA LEU A 124 -6.61 -10.63 -9.93
C LEU A 124 -7.24 -9.26 -9.75
N ASN A 125 -8.41 -9.20 -9.10
CA ASN A 125 -9.03 -7.91 -8.83
C ASN A 125 -8.16 -7.08 -7.90
N TRP A 126 -7.59 -7.70 -6.86
CA TRP A 126 -6.66 -7.00 -5.99
C TRP A 126 -5.47 -6.48 -6.78
N CYS A 127 -4.97 -7.28 -7.74
CA CYS A 127 -3.87 -6.83 -8.58
C CYS A 127 -4.27 -5.61 -9.41
N VAL A 128 -5.52 -5.58 -9.86
CA VAL A 128 -6.00 -4.43 -10.63
C VAL A 128 -6.11 -3.20 -9.73
N GLN A 129 -6.65 -3.37 -8.52
CA GLN A 129 -6.91 -2.22 -7.66
C GLN A 129 -5.62 -1.61 -7.14
N ILE A 130 -4.62 -2.44 -6.81
CA ILE A 130 -3.34 -1.90 -6.37
C ILE A 130 -2.66 -1.15 -7.52
N ALA A 131 -2.77 -1.68 -8.74
CA ALA A 131 -2.20 -0.99 -9.89
C ALA A 131 -2.92 0.32 -10.15
N LYS A 132 -4.23 0.36 -9.91
CA LYS A 132 -4.98 1.61 -10.07
C LYS A 132 -4.52 2.65 -9.07
N GLY A 133 -4.37 2.25 -7.80
CA GLY A 133 -3.88 3.18 -6.79
C GLY A 133 -2.45 3.61 -7.04
N MET A 134 -1.60 2.68 -7.47
CA MET A 134 -0.22 3.02 -7.77
C MET A 134 -0.14 3.97 -8.96
N ASN A 135 -0.99 3.75 -9.97
CA ASN A 135 -1.01 4.65 -11.12
C ASN A 135 -1.43 6.06 -10.72
N TYR A 136 -2.34 6.16 -9.75
CA TYR A 136 -2.75 7.48 -9.27
C TYR A 136 -1.58 8.20 -8.58
N LEU A 137 -0.81 7.46 -7.78
CA LEU A 137 0.34 8.06 -7.13
C LEU A 137 1.37 8.56 -8.14
N GLU A 138 1.47 7.90 -9.29
CA GLU A 138 2.36 8.37 -10.33
C GLU A 138 1.84 9.65 -10.98
N ASP A 139 0.53 9.73 -11.21
CA ASP A 139 -0.08 10.96 -11.68
C ASP A 139 0.28 12.13 -10.77
N ARG A 140 0.19 11.91 -9.47
CA ARG A 140 0.54 12.91 -8.47
C ARG A 140 2.05 13.00 -8.23
N ARG A 141 2.86 12.38 -9.09
CA ARG A 141 4.32 12.47 -9.01
C ARG A 141 4.84 12.00 -7.65
N LEU A 142 4.24 10.93 -7.13
CA LEU A 142 4.54 10.40 -5.81
C LEU A 142 5.15 9.01 -5.93
N VAL A 143 6.27 8.80 -5.25
CA VAL A 143 6.96 7.50 -5.21
C VAL A 143 6.79 6.93 -3.82
N HIS A 144 6.19 5.74 -3.73
CA HIS A 144 5.83 5.18 -2.44
C HIS A 144 7.06 4.67 -1.70
N ARG A 145 7.94 3.94 -2.39
CA ARG A 145 9.18 3.37 -1.87
C ARG A 145 8.98 2.27 -0.85
N ASP A 146 7.74 1.90 -0.53
CA ASP A 146 7.48 0.84 0.44
C ASP A 146 6.18 0.11 0.08
N LEU A 147 6.05 -0.29 -1.18
CA LEU A 147 4.89 -1.06 -1.60
C LEU A 147 5.09 -2.53 -1.21
N ALA A 148 4.14 -3.06 -0.45
CA ALA A 148 4.18 -4.45 -0.02
C ALA A 148 2.78 -4.87 0.38
N ALA A 149 2.58 -6.18 0.48
CA ALA A 149 1.27 -6.70 0.90
C ALA A 149 0.93 -6.25 2.31
N ARG A 150 1.93 -6.03 3.16
CA ARG A 150 1.69 -5.55 4.51
C ARG A 150 1.19 -4.12 4.55
N ASN A 151 1.43 -3.34 3.49
CA ASN A 151 1.05 -1.94 3.43
C ASN A 151 -0.17 -1.71 2.55
N VAL A 152 -0.93 -2.76 2.24
CA VAL A 152 -2.21 -2.65 1.55
C VAL A 152 -3.29 -3.09 2.53
N LEU A 153 -4.25 -2.21 2.79
CA LEU A 153 -5.31 -2.48 3.74
C LEU A 153 -6.59 -2.90 3.03
N VAL A 154 -7.41 -3.67 3.74
CA VAL A 154 -8.62 -4.27 3.18
C VAL A 154 -9.82 -3.59 3.83
N LYS A 155 -10.57 -2.82 3.04
CA LYS A 155 -11.83 -2.25 3.52
C LYS A 155 -12.92 -3.31 3.54
N THR A 156 -13.21 -3.89 2.38
CA THR A 156 -13.99 -5.10 2.21
C THR A 156 -13.15 -6.06 1.37
N PRO A 157 -13.48 -7.36 1.39
CA PRO A 157 -12.73 -8.31 0.55
C PRO A 157 -12.68 -7.91 -0.91
N GLN A 158 -13.63 -7.07 -1.34
CA GLN A 158 -13.72 -6.61 -2.73
C GLN A 158 -13.07 -5.25 -2.95
N HIS A 159 -12.49 -4.64 -1.91
CA HIS A 159 -11.98 -3.27 -2.01
C HIS A 159 -10.77 -3.13 -1.12
N VAL A 160 -9.60 -2.92 -1.72
CA VAL A 160 -8.36 -2.72 -0.98
C VAL A 160 -7.78 -1.36 -1.34
N LYS A 161 -6.97 -0.83 -0.42
CA LYS A 161 -6.37 0.49 -0.57
C LYS A 161 -4.92 0.45 -0.11
N ILE A 162 -4.11 1.33 -0.70
CA ILE A 162 -2.70 1.47 -0.34
C ILE A 162 -2.58 2.47 0.80
N THR A 163 -1.70 2.18 1.75
CA THR A 163 -1.52 3.01 2.94
C THR A 163 -0.03 3.10 3.26
N ASP A 164 0.28 3.72 4.40
CA ASP A 164 1.62 3.80 4.94
C ASP A 164 2.56 4.57 4.02
N PHE A 165 2.53 5.90 4.09
CA PHE A 165 3.37 6.76 3.28
C PHE A 165 4.55 7.33 4.07
N GLY A 166 5.09 6.57 5.03
CA GLY A 166 6.19 7.06 5.82
C GLY A 166 7.45 7.30 5.01
N LEU A 167 7.68 6.44 4.01
CA LEU A 167 8.85 6.54 3.14
C LEU A 167 8.54 7.27 1.83
N ALA A 168 7.30 7.69 1.62
CA ALA A 168 6.92 8.31 0.36
C ALA A 168 7.63 9.65 0.17
N LYS A 169 8.04 9.93 -1.07
CA LYS A 169 8.71 11.16 -1.42
C LYS A 169 8.14 11.72 -2.71
N LEU A 170 7.88 13.02 -2.72
CA LEU A 170 7.29 13.70 -3.88
C LEU A 170 8.38 14.14 -4.84
N LEU A 171 8.27 13.75 -6.10
CA LEU A 171 9.24 14.10 -7.12
C LEU A 171 8.89 15.45 -7.74
N GLY A 172 9.94 16.17 -8.17
CA GLY A 172 9.76 17.46 -8.80
C GLY A 172 9.11 17.36 -10.17
N ALA A 173 9.26 18.39 -11.00
CA ALA A 173 8.65 18.38 -12.33
C ALA A 173 9.71 18.31 -13.43
N GLU A 177 13.47 10.37 -9.81
CA GLU A 177 14.75 9.85 -9.37
C GLU A 177 15.17 10.46 -8.04
N TYR A 178 14.73 9.84 -6.95
CA TYR A 178 15.01 10.32 -5.61
C TYR A 178 16.25 9.63 -5.06
N HIS A 179 17.12 10.41 -4.43
CA HIS A 179 18.41 9.93 -3.93
C HIS A 179 18.38 9.97 -2.40
N ALA A 180 17.96 8.84 -1.80
CA ALA A 180 17.96 8.72 -0.35
C ALA A 180 19.39 8.68 0.18
N GLU A 181 19.52 8.70 1.51
CA GLU A 181 20.82 8.60 2.12
C GLU A 181 20.96 7.26 2.83
N GLY A 182 20.46 7.15 4.05
CA GLY A 182 20.50 5.87 4.74
C GLY A 182 19.35 5.76 5.75
N GLY A 183 18.65 4.64 5.70
CA GLY A 183 17.51 4.40 6.58
C GLY A 183 17.17 2.92 6.53
N LYS A 184 16.55 2.44 7.60
CA LYS A 184 16.01 1.08 7.61
C LYS A 184 15.08 0.93 6.42
N VAL A 185 15.51 0.17 5.42
CA VAL A 185 14.78 0.03 4.16
C VAL A 185 14.33 -1.41 3.99
N PRO A 186 13.23 -1.67 3.26
CA PRO A 186 12.79 -3.07 3.07
C PRO A 186 13.50 -3.75 1.92
N ILE A 187 14.65 -4.38 2.23
CA ILE A 187 15.60 -4.80 1.20
C ILE A 187 14.93 -5.69 0.16
N LYS A 188 14.14 -6.67 0.61
CA LYS A 188 13.64 -7.70 -0.29
C LYS A 188 12.57 -7.20 -1.25
N TRP A 189 12.08 -5.98 -1.09
CA TRP A 189 11.05 -5.43 -1.98
C TRP A 189 11.58 -4.37 -2.94
N MET A 190 12.87 -4.05 -2.88
CA MET A 190 13.43 -2.93 -3.62
C MET A 190 14.03 -3.38 -4.94
N ALA A 191 13.95 -2.49 -5.93
CA ALA A 191 14.61 -2.72 -7.21
C ALA A 191 16.12 -2.74 -7.02
N LEU A 192 16.81 -3.36 -7.99
CA LEU A 192 18.26 -3.52 -7.88
C LEU A 192 18.96 -2.18 -7.78
N GLU A 193 18.49 -1.18 -8.54
CA GLU A 193 19.11 0.15 -8.49
C GLU A 193 18.88 0.82 -7.15
N SER A 194 17.73 0.55 -6.51
CA SER A 194 17.49 1.11 -5.18
C SER A 194 18.41 0.50 -4.14
N ILE A 195 18.85 -0.74 -4.36
CA ILE A 195 19.80 -1.37 -3.45
C ILE A 195 21.18 -0.75 -3.61
N LEU A 196 21.64 -0.63 -4.86
CA LEU A 196 23.02 -0.25 -5.15
C LEU A 196 23.21 1.26 -5.17
N HIS A 197 22.33 1.99 -5.85
CA HIS A 197 22.47 3.42 -6.02
C HIS A 197 21.53 4.23 -5.13
N ARG A 198 20.60 3.59 -4.43
CA ARG A 198 19.57 4.26 -3.64
C ARG A 198 18.76 5.21 -4.50
N ILE A 199 18.54 4.84 -5.76
CA ILE A 199 17.69 5.60 -6.67
C ILE A 199 16.29 5.03 -6.61
N TYR A 200 15.29 5.90 -6.47
CA TYR A 200 13.89 5.49 -6.41
C TYR A 200 13.11 6.22 -7.50
N THR A 201 12.42 5.45 -8.33
CA THR A 201 11.61 5.97 -9.44
C THR A 201 10.25 5.30 -9.35
N HIS A 202 9.26 5.87 -10.05
CA HIS A 202 7.98 5.17 -10.22
C HIS A 202 8.19 3.75 -10.73
N GLN A 203 9.20 3.55 -11.57
CA GLN A 203 9.55 2.21 -12.04
C GLN A 203 10.26 1.39 -10.97
N SER A 204 10.78 2.03 -9.92
CA SER A 204 11.26 1.28 -8.77
C SER A 204 10.09 0.72 -7.96
N ASP A 205 8.97 1.44 -7.93
CA ASP A 205 7.78 0.90 -7.27
C ASP A 205 7.18 -0.25 -8.06
N VAL A 206 7.39 -0.29 -9.37
CA VAL A 206 6.89 -1.40 -10.18
C VAL A 206 7.57 -2.70 -9.78
N TRP A 207 8.88 -2.65 -9.49
CA TRP A 207 9.56 -3.82 -8.95
C TRP A 207 8.91 -4.27 -7.65
N SER A 208 8.66 -3.32 -6.75
CA SER A 208 7.97 -3.65 -5.50
C SER A 208 6.57 -4.21 -5.77
N TYR A 209 5.90 -3.69 -6.80
CA TYR A 209 4.59 -4.22 -7.17
C TYR A 209 4.69 -5.68 -7.58
N GLY A 210 5.76 -6.05 -8.28
CA GLY A 210 5.95 -7.44 -8.65
C GLY A 210 6.13 -8.34 -7.45
N VAL A 211 6.90 -7.88 -6.46
CA VAL A 211 7.05 -8.64 -5.23
C VAL A 211 5.72 -8.72 -4.47
N THR A 212 4.94 -7.64 -4.53
CA THR A 212 3.64 -7.63 -3.84
C THR A 212 2.68 -8.62 -4.48
N VAL A 213 2.64 -8.67 -5.81
CA VAL A 213 1.82 -9.65 -6.50
C VAL A 213 2.28 -11.06 -6.16
N TRP A 214 3.60 -11.25 -6.08
CA TRP A 214 4.14 -12.56 -5.70
C TRP A 214 3.72 -12.94 -4.29
N GLU A 215 3.58 -11.97 -3.40
CA GLU A 215 3.07 -12.26 -2.06
C GLU A 215 1.64 -12.79 -2.12
N LEU A 216 0.82 -12.19 -2.98
CA LEU A 216 -0.58 -12.60 -3.07
C LEU A 216 -0.70 -13.99 -3.70
N MET A 217 0.01 -14.23 -4.80
CA MET A 217 -0.11 -15.49 -5.51
C MET A 217 0.49 -16.66 -4.72
N THR A 218 1.30 -16.39 -3.71
CA THR A 218 1.81 -17.41 -2.81
C THR A 218 1.08 -17.44 -1.49
N PHE A 219 0.01 -16.65 -1.36
CA PHE A 219 -0.84 -16.63 -0.17
C PHE A 219 -0.08 -16.23 1.09
N GLY A 220 0.89 -15.33 0.94
CA GLY A 220 1.58 -14.77 2.08
C GLY A 220 2.97 -15.28 2.34
N SER A 221 3.61 -15.94 1.38
CA SER A 221 4.96 -16.43 1.59
C SER A 221 5.95 -15.27 1.66
N LYS A 222 7.06 -15.50 2.36
CA LYS A 222 8.08 -14.47 2.50
C LYS A 222 9.02 -14.51 1.30
N PRO A 223 9.22 -13.39 0.61
CA PRO A 223 10.17 -13.38 -0.51
C PRO A 223 11.59 -13.61 0.00
N TYR A 224 12.32 -14.48 -0.70
CA TYR A 224 13.69 -14.85 -0.34
C TYR A 224 13.77 -15.31 1.12
N ASP A 225 12.89 -16.26 1.45
CA ASP A 225 12.80 -16.75 2.82
C ASP A 225 13.98 -17.65 3.15
N GLY A 226 14.71 -17.29 4.21
CA GLY A 226 15.90 -18.02 4.57
C GLY A 226 17.13 -17.54 3.83
N ILE A 227 17.12 -16.28 3.38
CA ILE A 227 18.26 -15.64 2.72
C ILE A 227 18.68 -14.38 3.49
N PRO A 228 19.98 -14.18 3.75
CA PRO A 228 20.42 -12.90 4.35
C PRO A 228 20.16 -11.72 3.44
N ALA A 229 19.79 -10.59 4.05
CA ALA A 229 19.44 -9.40 3.27
C ALA A 229 20.62 -8.88 2.47
N SER A 230 21.85 -9.11 2.95
CA SER A 230 23.02 -8.60 2.25
C SER A 230 23.32 -9.40 0.99
N GLU A 231 23.03 -10.70 0.99
CA GLU A 231 23.28 -11.54 -0.17
C GLU A 231 22.27 -11.32 -1.29
N ILE A 232 21.31 -10.42 -1.10
CA ILE A 232 20.26 -10.21 -2.10
C ILE A 232 20.79 -9.41 -3.29
N SER A 233 21.67 -8.45 -3.03
CA SER A 233 22.18 -7.60 -4.10
C SER A 233 22.93 -8.40 -5.15
N SER A 234 23.63 -9.46 -4.74
CA SER A 234 24.46 -10.19 -5.68
C SER A 234 23.65 -11.22 -6.47
N ILE A 235 22.68 -11.88 -5.83
CA ILE A 235 21.89 -12.88 -6.55
C ILE A 235 20.98 -12.21 -7.56
N LEU A 236 20.57 -10.97 -7.32
CA LEU A 236 19.79 -10.25 -8.32
C LEU A 236 20.64 -9.87 -9.52
N GLU A 237 21.92 -9.57 -9.30
CA GLU A 237 22.84 -9.35 -10.41
C GLU A 237 23.13 -10.65 -11.15
N LYS A 238 23.20 -11.77 -10.44
CA LYS A 238 23.50 -13.06 -11.06
C LYS A 238 22.34 -13.58 -11.91
N GLY A 239 21.22 -12.87 -11.97
CA GLY A 239 20.11 -13.24 -12.81
C GLY A 239 18.99 -14.01 -12.14
N GLU A 240 18.91 -13.99 -10.81
CA GLU A 240 17.96 -14.79 -10.07
C GLU A 240 16.76 -13.96 -9.63
N ARG A 241 15.58 -14.56 -9.71
CA ARG A 241 14.34 -13.90 -9.28
C ARG A 241 13.53 -14.82 -8.37
N LEU A 242 12.30 -14.41 -8.04
CA LEU A 242 11.44 -15.22 -7.21
C LEU A 242 10.76 -16.32 -8.04
N PRO A 243 10.48 -17.47 -7.45
CA PRO A 243 9.98 -18.61 -8.23
C PRO A 243 8.56 -18.39 -8.70
N GLN A 244 8.18 -19.17 -9.71
CA GLN A 244 6.82 -19.16 -10.24
C GLN A 244 5.87 -19.77 -9.23
N PRO A 245 4.91 -19.01 -8.70
CA PRO A 245 3.98 -19.57 -7.72
C PRO A 245 3.18 -20.70 -8.34
N PRO A 246 2.69 -21.64 -7.52
CA PRO A 246 2.04 -22.83 -8.09
C PRO A 246 0.77 -22.51 -8.86
N ILE A 247 -0.10 -21.67 -8.29
CA ILE A 247 -1.36 -21.31 -8.97
C ILE A 247 -1.15 -20.43 -10.18
N CYS A 248 0.08 -19.99 -10.43
CA CYS A 248 0.36 -19.01 -11.46
C CYS A 248 0.56 -19.69 -12.81
N THR A 249 -0.27 -19.33 -13.79
CA THR A 249 0.04 -19.66 -15.17
C THR A 249 1.30 -18.89 -15.59
N ILE A 250 1.86 -19.30 -16.73
CA ILE A 250 3.00 -18.57 -17.27
C ILE A 250 2.60 -17.15 -17.64
N ASP A 251 1.32 -16.93 -17.92
CA ASP A 251 0.83 -15.59 -18.26
C ASP A 251 0.99 -14.64 -17.09
N VAL A 252 0.54 -15.04 -15.91
CA VAL A 252 0.64 -14.18 -14.73
C VAL A 252 2.09 -14.05 -14.29
N TYR A 253 2.85 -15.15 -14.33
CA TYR A 253 4.24 -15.11 -13.90
C TYR A 253 5.11 -14.29 -14.84
N MET A 254 4.80 -14.30 -16.14
CA MET A 254 5.57 -13.48 -17.07
C MET A 254 5.42 -11.99 -16.76
N ILE A 255 4.27 -11.58 -16.26
CA ILE A 255 4.08 -10.19 -15.87
C ILE A 255 4.92 -9.86 -14.64
N MET A 256 4.94 -10.76 -13.66
CA MET A 256 5.74 -10.53 -12.46
C MET A 256 7.23 -10.49 -12.80
N VAL A 257 7.66 -11.33 -13.74
CA VAL A 257 9.06 -11.34 -14.17
C VAL A 257 9.40 -10.02 -14.87
N LYS A 258 8.46 -9.48 -15.64
CA LYS A 258 8.71 -8.23 -16.35
C LYS A 258 8.94 -7.07 -15.39
N CYS A 259 8.31 -7.10 -14.22
CA CYS A 259 8.52 -6.06 -13.22
C CYS A 259 9.90 -6.11 -12.59
N TRP A 260 10.64 -7.21 -12.78
CA TRP A 260 11.93 -7.40 -12.15
C TRP A 260 13.09 -7.35 -13.15
N MET A 261 12.90 -6.69 -14.28
CA MET A 261 13.97 -6.56 -15.25
C MET A 261 14.97 -5.49 -14.83
N ILE A 262 16.24 -5.71 -15.17
CA ILE A 262 17.29 -4.82 -14.69
C ILE A 262 17.16 -3.43 -15.32
N ASP A 263 16.88 -3.38 -16.62
CA ASP A 263 16.55 -2.11 -17.27
C ASP A 263 15.22 -1.61 -16.74
N ALA A 264 15.24 -0.51 -15.99
CA ALA A 264 14.04 -0.05 -15.31
C ALA A 264 12.98 0.46 -16.29
N ASP A 265 13.38 0.97 -17.44
CA ASP A 265 12.43 1.51 -18.40
C ASP A 265 11.80 0.45 -19.28
N SER A 266 12.36 -0.75 -19.33
CA SER A 266 11.70 -1.85 -20.03
C SER A 266 10.68 -2.55 -19.17
N ARG A 267 10.51 -2.16 -17.91
CA ARG A 267 9.52 -2.71 -17.02
C ARG A 267 8.13 -2.19 -17.39
N PRO A 268 7.07 -2.91 -17.00
CA PRO A 268 5.72 -2.44 -17.30
C PRO A 268 5.38 -1.18 -16.50
N LYS A 269 4.55 -0.34 -17.12
CA LYS A 269 4.01 0.83 -16.46
C LYS A 269 2.75 0.47 -15.68
N PHE A 270 2.45 1.26 -14.66
CA PHE A 270 1.27 1.00 -13.85
C PHE A 270 -0.01 1.08 -14.69
N ARG A 271 -0.04 1.99 -15.67
CA ARG A 271 -1.21 2.09 -16.54
C ARG A 271 -1.42 0.82 -17.35
N GLU A 272 -0.33 0.13 -17.70
CA GLU A 272 -0.43 -1.10 -18.46
C GLU A 272 -0.71 -2.32 -17.58
N LEU A 273 -0.25 -2.31 -16.33
CA LEU A 273 -0.55 -3.41 -15.42
C LEU A 273 -2.04 -3.46 -15.09
N ILE A 274 -2.70 -2.30 -15.07
CA ILE A 274 -4.16 -2.28 -14.96
C ILE A 274 -4.80 -3.04 -16.11
N ILE A 275 -4.40 -2.69 -17.34
CA ILE A 275 -5.03 -3.27 -18.53
C ILE A 275 -4.83 -4.78 -18.57
N GLU A 276 -3.61 -5.25 -18.29
CA GLU A 276 -3.32 -6.67 -18.40
C GLU A 276 -4.07 -7.49 -17.36
N PHE A 277 -4.03 -7.05 -16.10
CA PHE A 277 -4.73 -7.79 -15.06
C PHE A 277 -6.25 -7.64 -15.19
N SER A 278 -6.73 -6.48 -15.66
CA SER A 278 -8.15 -6.32 -15.92
C SER A 278 -8.63 -7.28 -17.00
N LYS A 279 -7.81 -7.49 -18.03
CA LYS A 279 -8.13 -8.50 -19.04
C LYS A 279 -8.13 -9.89 -18.43
N MET A 280 -7.25 -10.14 -17.46
CA MET A 280 -7.21 -11.46 -16.82
C MET A 280 -8.38 -11.66 -15.89
N ALA A 281 -8.77 -10.62 -15.15
CA ALA A 281 -9.92 -10.73 -14.26
C ALA A 281 -11.22 -10.98 -15.02
N ARG A 282 -11.23 -10.74 -16.34
CA ARG A 282 -12.39 -11.05 -17.15
C ARG A 282 -12.58 -12.54 -17.37
N ASP A 283 -11.58 -13.36 -17.04
CA ASP A 283 -11.64 -14.81 -17.14
C ASP A 283 -10.64 -15.39 -16.15
N PRO A 284 -10.92 -15.30 -14.83
CA PRO A 284 -9.86 -15.57 -13.84
C PRO A 284 -9.32 -16.99 -13.87
N GLN A 285 -10.16 -17.99 -14.12
CA GLN A 285 -9.73 -19.37 -14.06
C GLN A 285 -8.78 -19.74 -15.19
N ARG A 286 -8.69 -18.92 -16.23
CA ARG A 286 -7.76 -19.15 -17.33
C ARG A 286 -6.33 -18.79 -16.95
N TYR A 287 -6.12 -18.06 -15.87
CA TYR A 287 -4.80 -17.55 -15.51
C TYR A 287 -4.35 -17.92 -14.11
N LEU A 288 -5.24 -18.31 -13.22
CA LEU A 288 -4.89 -18.79 -11.88
C LEU A 288 -5.60 -20.11 -11.63
N VAL A 289 -4.83 -21.13 -11.30
CA VAL A 289 -5.35 -22.48 -11.10
C VAL A 289 -5.37 -22.74 -9.61
N ILE A 290 -6.56 -22.65 -9.00
CA ILE A 290 -6.73 -22.81 -7.57
C ILE A 290 -7.71 -23.94 -7.33
N GLN A 291 -7.35 -24.87 -6.44
CA GLN A 291 -8.15 -26.06 -6.15
C GLN A 291 -9.51 -25.70 -5.58
N GLY A 292 -10.56 -25.77 -6.41
CA GLY A 292 -11.91 -25.53 -5.95
C GLY A 292 -12.34 -24.08 -6.01
N ASP A 293 -12.16 -23.46 -7.17
CA ASP A 293 -12.57 -22.08 -7.36
C ASP A 293 -14.08 -21.94 -7.33
N MET A 316 -23.90 0.89 15.15
CA MET A 316 -25.02 1.73 15.57
C MET A 316 -25.90 2.12 14.38
N ASP A 317 -26.67 3.18 14.54
CA ASP A 317 -27.63 3.59 13.52
C ASP A 317 -27.06 4.64 12.56
N ASP A 318 -26.47 5.70 13.10
CA ASP A 318 -25.94 6.80 12.29
C ASP A 318 -24.51 6.56 11.82
N VAL A 319 -24.11 5.29 11.66
CA VAL A 319 -22.77 4.99 11.21
C VAL A 319 -22.65 5.28 9.72
N VAL A 320 -21.67 6.10 9.35
CA VAL A 320 -21.39 6.43 7.96
C VAL A 320 -19.94 6.08 7.69
N ASP A 321 -19.72 5.24 6.67
CA ASP A 321 -18.35 4.96 6.25
C ASP A 321 -17.69 6.23 5.75
N ALA A 322 -16.39 6.36 6.01
CA ALA A 322 -15.67 7.59 5.70
C ALA A 322 -15.63 7.90 4.21
N ASP A 323 -15.77 6.88 3.35
CA ASP A 323 -15.82 7.13 1.92
C ASP A 323 -17.08 7.89 1.50
N GLU A 324 -18.10 7.91 2.36
CA GLU A 324 -19.33 8.63 2.07
C GLU A 324 -19.46 9.94 2.82
N TYR A 325 -18.55 10.24 3.74
CA TYR A 325 -18.54 11.50 4.47
C TYR A 325 -17.56 12.43 3.77
N LEU A 326 -18.09 13.40 3.04
CA LEU A 326 -17.28 14.30 2.21
C LEU A 326 -17.61 15.74 2.57
N ILE A 327 -16.66 16.44 3.15
CA ILE A 327 -16.79 17.86 3.50
C ILE A 327 -15.81 18.64 2.62
N PRO A 328 -16.29 19.51 1.72
CA PRO A 328 -15.38 20.30 0.88
C PRO A 328 -14.87 21.55 1.57
C4 R2E B . -6.65 -0.11 9.78
C5 R2E B . -5.27 0.11 10.00
C6 R2E B . -4.76 1.39 9.54
N1 R2E B . -5.56 2.31 8.95
N3 R2E B . -7.47 0.83 9.18
C2 R2E B . -6.89 1.96 8.80
CAA R2E B . -0.22 -6.87 8.39
CAB R2E B . 0.62 -6.14 9.11
CAC R2E B . 0.32 -5.71 10.51
CAF R2E B . -0.71 -4.15 12.21
CAG R2E B . -2.19 -3.81 12.50
CAH R2E B . -2.99 -3.03 11.45
CAJ R2E B . -5.16 -2.13 11.01
CAK R2E B . -4.57 -0.94 10.63
CAO R2E B . -2.92 3.10 9.59
CAP R2E B . -1.75 3.37 8.85
CAQ R2E B . -1.22 4.65 8.76
CAR R2E B . -1.86 5.71 9.40
CAT R2E B . -3.00 5.48 10.13
CAV R2E B . -3.53 4.20 10.23
CBB R2E B . -7.28 -1.32 10.17
CBC R2E B . -6.56 -2.32 10.78
CBE R2E B . -8.46 -3.63 11.39
CBF R2E B . -2.53 -3.51 10.05
CBG R2E B . -1.03 -3.67 9.83
FAW R2E B . -4.62 4.06 10.94
NAE R2E B . -0.43 -4.57 10.81
NAN R2E B . -3.43 1.78 9.67
OAD R2E B . 0.78 -6.38 11.44
OAI R2E B . -4.41 -3.12 11.62
OBD R2E B . -7.07 -3.52 11.20
CL1 R2E B . -1.24 7.27 9.29
CL2 R2E B . -3.76 6.77 10.90
C1 CIT C . 13.35 -6.41 4.37
O1 CIT C . 13.21 -6.69 3.20
O2 CIT C . 14.15 -5.47 4.80
C2 CIT C . 12.61 -7.12 5.46
C3 CIT C . 11.65 -6.21 6.26
O7 CIT C . 11.24 -5.12 5.42
C4 CIT C . 10.42 -7.03 6.67
C5 CIT C . 9.27 -6.20 7.17
O3 CIT C . 8.30 -6.67 7.73
O4 CIT C . 9.40 -4.91 6.95
C6 CIT C . 12.36 -5.64 7.49
O5 CIT C . 11.98 -6.21 8.61
O6 CIT C . 13.19 -4.76 7.43
#